data_6AAU
#
_entry.id   6AAU
#
_entity_poly.entity_id   1
_entity_poly.type   'polyribonucleotide'
_entity_poly.pdbx_seq_one_letter_code
;UAAGUGUACUGG(MA6)(MA6)AGUGCACUUG
;
_entity_poly.pdbx_strand_id   A
#
loop_
_chem_comp.id
_chem_comp.type
_chem_comp.name
_chem_comp.formula
A RNA linking ADENOSINE-5'-MONOPHOSPHATE 'C10 H14 N5 O7 P'
C RNA linking CYTIDINE-5'-MONOPHOSPHATE 'C9 H14 N3 O8 P'
G RNA linking GUANOSINE-5'-MONOPHOSPHATE 'C10 H14 N5 O8 P'
MA6 RNA linking 6N-DIMETHYLADENOSINE-5'-MONOPHOSHATE 'C12 H18 N5 O7 P'
U RNA linking URIDINE-5'-MONOPHOSPHATE 'C9 H13 N2 O9 P'
#
# COMPACT_ATOMS: atom_id res chain seq x y z
C2 MA6 A 13 -0.44 3.07 -2.31
C4 MA6 A 13 0.68 1.15 -2.30
C5 MA6 A 13 -0.39 0.42 -2.74
P MA6 A 13 4.18 -4.49 -2.69
OP1 MA6 A 13 5.16 -5.33 -1.95
OP2 MA6 A 13 2.87 -5.07 -3.04
O5' MA6 A 13 3.95 -3.10 -1.91
C5' MA6 A 13 5.04 -2.40 -1.31
C4' MA6 A 13 4.67 -0.94 -1.04
O4' MA6 A 13 4.03 -0.32 -2.17
C1' MA6 A 13 3.10 0.64 -1.70
N9 MA6 A 13 1.73 0.28 -2.15
N3 MA6 A 13 0.72 2.50 -2.07
N1 MA6 A 13 -1.56 2.49 -2.73
C6 MA6 A 13 -1.58 1.16 -2.96
N6 MA6 A 13 -2.74 0.60 -3.39
C9 MA6 A 13 -2.77 -0.05 -4.72
C10 MA6 A 13 -4.05 1.11 -2.94
N7 MA6 A 13 -0.04 -0.94 -2.87
C8 MA6 A 13 1.22 -0.96 -2.51
C2' MA6 A 13 3.16 0.67 -0.17
O2' MA6 A 13 4.03 1.72 0.21
C3' MA6 A 13 3.75 -0.71 0.16
O3' MA6 A 13 4.47 -0.71 1.38
H2 MA6 A 13 -0.50 4.14 -2.13
H5' MA6 A 13 5.89 -2.42 -2.00
H5'' MA6 A 13 5.33 -2.89 -0.39
H4' MA6 A 13 5.60 -0.38 -0.85
H1' MA6 A 13 3.35 1.62 -2.09
H91 MA6 A 13 -3.61 -0.73 -4.78
H92 MA6 A 13 -1.85 -0.61 -4.88
H93 MA6 A 13 -2.86 0.71 -5.49
H101 MA6 A 13 -3.98 1.44 -1.90
H102 MA6 A 13 -4.80 0.32 -3.01
H103 MA6 A 13 -4.35 1.95 -3.56
H8 MA6 A 13 1.81 -1.87 -2.49
H2' MA6 A 13 2.17 0.78 0.28
HO2' MA6 A 13 4.50 1.45 1.02
H3' MA6 A 13 2.96 -1.47 0.16
C2 MA6 A 14 -4.45 1.40 0.96
C4 MA6 A 14 -2.29 1.00 1.28
C5 MA6 A 14 -2.34 -0.25 0.68
P MA6 A 14 3.75 -1.03 2.77
OP1 MA6 A 14 4.79 -0.87 3.83
OP2 MA6 A 14 3.08 -2.36 2.68
O5' MA6 A 14 2.60 0.08 2.92
C5' MA6 A 14 2.87 1.38 3.43
C4' MA6 A 14 1.59 2.23 3.49
O4' MA6 A 14 0.99 2.41 2.21
C1' MA6 A 14 -0.43 2.36 2.36
N9 MA6 A 14 -0.97 1.17 1.67
N3 MA6 A 14 -3.31 1.88 1.45
N1 MA6 A 14 -4.65 0.23 0.37
C6 MA6 A 14 -3.62 -0.63 0.20
N6 MA6 A 14 -3.86 -1.82 -0.41
C9 MA6 A 14 -4.57 -2.86 0.35
C10 MA6 A 14 -2.95 -2.35 -1.43
N7 MA6 A 14 -1.09 -0.86 0.70
C8 MA6 A 14 -0.32 0.02 1.29
C2' MA6 A 14 -0.76 2.30 3.85
O2' MA6 A 14 -0.92 3.62 4.35
C3' MA6 A 14 0.52 1.63 4.41
O3' MA6 A 14 0.77 1.96 5.77
H2 MA6 A 14 -5.31 2.04 1.05
H5' MA6 A 14 3.61 1.88 2.81
H5'' MA6 A 14 3.28 1.29 4.44
H4' MA6 A 14 1.85 3.22 3.88
H1' MA6 A 14 -0.88 3.26 1.91
H91 MA6 A 14 -3.89 -3.29 1.07
H92 MA6 A 14 -4.92 -3.64 -0.32
H93 MA6 A 14 -5.42 -2.43 0.88
H101 MA6 A 14 -3.46 -3.08 -2.05
H102 MA6 A 14 -2.10 -2.83 -0.94
H103 MA6 A 14 -2.59 -1.54 -2.05
H8 MA6 A 14 0.74 -0.14 1.46
H2' MA6 A 14 -1.63 1.69 4.05
HO2' MA6 A 14 -0.90 3.60 5.33
H3' MA6 A 14 0.48 0.56 4.26
C2 MA6 A 13 -1.19 3.08 -2.72
C4 MA6 A 13 0.27 1.42 -2.51
C5 MA6 A 13 -0.59 0.47 -3.03
P MA6 A 13 4.39 -3.57 -1.90
OP1 MA6 A 13 5.38 -4.23 -1.01
OP2 MA6 A 13 3.24 -4.37 -2.38
O5' MA6 A 13 3.86 -2.21 -1.22
C5' MA6 A 13 4.74 -1.36 -0.51
C4' MA6 A 13 4.21 0.08 -0.47
O4' MA6 A 13 3.77 0.52 -1.76
C1' MA6 A 13 2.65 1.39 -1.62
N9 MA6 A 13 1.43 0.76 -2.20
N3 MA6 A 13 0.04 2.75 -2.33
N1 MA6 A 13 -2.12 2.29 -3.24
C6 MA6 A 13 -1.86 0.97 -3.41
N6 MA6 A 13 -2.83 0.18 -3.94
C9 MA6 A 13 -2.58 -0.47 -5.24
C10 MA6 A 13 -4.25 0.46 -3.68
N7 MA6 A 13 0.02 -0.80 -3.05
C8 MA6 A 13 1.21 -0.56 -2.55
C2' MA6 A 13 2.44 1.63 -0.12
O2' MA6 A 13 3.19 2.79 0.25
C3' MA6 A 13 3.04 0.35 0.49
O3' MA6 A 13 3.48 0.56 1.82
H2 MA6 A 13 -1.46 4.12 -2.61
H5' MA6 A 13 5.71 -1.35 -1.00
H5'' MA6 A 13 4.87 -1.73 0.52
H4' MA6 A 13 5.04 0.73 -0.17
H1' MA6 A 13 2.84 2.34 -2.12
H91 MA6 A 13 -2.73 0.25 -6.04
H92 MA6 A 13 -3.26 -1.31 -5.37
H93 MA6 A 13 -1.56 -0.84 -5.29
H101 MA6 A 13 -4.84 -0.45 -3.84
H102 MA6 A 13 -4.61 1.24 -4.35
H103 MA6 A 13 -4.39 0.79 -2.66
H8 MA6 A 13 1.95 -1.34 -2.42
H2' MA6 A 13 1.39 1.73 0.14
HO2' MA6 A 13 3.47 2.69 1.18
H3' MA6 A 13 2.33 -0.47 0.42
C2 MA6 A 14 -5.39 0.57 -0.15
C4 MA6 A 14 -3.22 0.79 0.34
C5 MA6 A 14 -2.93 -0.50 -0.03
P MA6 A 14 2.52 0.24 3.07
OP1 MA6 A 14 3.25 0.70 4.29
OP2 MA6 A 14 2.16 -1.20 3.00
O5' MA6 A 14 1.20 1.13 2.82
C5' MA6 A 14 1.15 2.49 3.18
C4' MA6 A 14 -0.19 3.14 2.79
O4' MA6 A 14 -0.47 3.04 1.39
C1' MA6 A 14 -1.86 2.76 1.21
N9 MA6 A 14 -2.03 1.36 0.73
N3 MA6 A 14 -4.45 1.39 0.29
N1 MA6 A 14 -5.25 -0.70 -0.52
C6 MA6 A 14 -4.02 -1.27 -0.48
N6 MA6 A 14 -3.89 -2.56 -0.87
C9 MA6 A 14 -4.24 -3.63 0.07
C10 MA6 A 14 -3.96 -2.90 -2.30
N7 MA6 A 14 -1.56 -0.76 0.14
C8 MA6 A 14 -1.09 0.36 0.59
C2' MA6 A 14 -2.54 2.93 2.56
O2' MA6 A 14 -2.91 4.31 2.73
C3' MA6 A 14 -1.40 2.54 3.52
O3' MA6 A 14 -1.50 3.01 4.86
H2 MA6 A 14 -6.39 0.97 -0.20
H5' MA6 A 14 1.95 3.04 2.68
H5'' MA6 A 14 1.29 2.61 4.25
H4' MA6 A 14 -0.15 4.20 3.06
H1' MA6 A 14 -2.29 3.45 0.48
H91 MA6 A 14 -5.32 -3.77 0.08
H92 MA6 A 14 -3.90 -3.37 1.07
H93 MA6 A 14 -3.75 -4.57 -0.23
H101 MA6 A 14 -3.65 -3.94 -2.45
H102 MA6 A 14 -3.30 -2.26 -2.87
H103 MA6 A 14 -4.98 -2.79 -2.65
H8 MA6 A 14 -0.05 0.51 0.83
H2' MA6 A 14 -3.40 2.27 2.68
HO2' MA6 A 14 -3.32 4.42 3.61
H3' MA6 A 14 -1.29 1.46 3.50
C2 MA6 A 13 -0.61 2.87 -2.94
C4 MA6 A 13 0.65 1.06 -2.68
C5 MA6 A 13 -0.31 0.21 -3.19
P MA6 A 13 4.49 -4.30 -2.23
OP1 MA6 A 13 5.40 -5.04 -1.33
OP2 MA6 A 13 3.28 -5.00 -2.75
O5' MA6 A 13 4.04 -2.92 -1.54
C5' MA6 A 13 4.98 -2.13 -0.82
C4' MA6 A 13 4.52 -0.65 -0.74
O4' MA6 A 13 4.05 -0.18 -2.00
C1' MA6 A 13 3.01 0.77 -1.77
N9 MA6 A 13 1.73 0.28 -2.35
N3 MA6 A 13 0.57 2.41 -2.53
N1 MA6 A 13 -1.62 2.19 -3.44
C6 MA6 A 13 -1.51 0.85 -3.59
N6 MA6 A 13 -2.56 0.17 -4.11
C9 MA6 A 13 -2.39 -0.54 -5.39
C10 MA6 A 13 -3.95 0.59 -3.84
N7 MA6 A 13 0.15 -1.11 -3.18
C8 MA6 A 13 1.36 -1.02 -2.68
C2' MA6 A 13 2.85 0.96 -0.26
O2' MA6 A 13 3.66 2.07 0.12
C3' MA6 A 13 3.42 -0.37 0.28
O3' MA6 A 13 3.93 -0.23 1.60
H2 MA6 A 13 -0.75 3.94 -2.85
H5' MA6 A 13 5.94 -2.14 -1.34
H5'' MA6 A 13 5.12 -2.53 0.18
H4' MA6 A 13 5.39 -0.05 -0.46
H1' MA6 A 13 3.26 1.73 -2.23
H91 MA6 A 13 -1.42 -1.03 -5.43
H92 MA6 A 13 -2.46 0.18 -6.21
H93 MA6 A 13 -3.17 -1.30 -5.51
H101 MA6 A 13 -4.03 0.97 -2.82
H102 MA6 A 13 -4.63 -0.26 -3.95
H103 MA6 A 13 -4.24 1.38 -4.53
H8 MA6 A 13 2.00 -1.86 -2.53
H2' MA6 A 13 1.82 1.09 0.04
HO2' MA6 A 13 4.01 1.90 1.02
H3' MA6 A 13 2.67 -1.15 0.22
C2 MA6 A 14 -4.95 1.02 -0.18
C4 MA6 A 14 -2.79 0.88 0.36
C5 MA6 A 14 -2.68 -0.42 -0.06
P MA6 A 14 3.01 -0.47 2.89
OP1 MA6 A 14 3.83 -0.15 4.08
OP2 MA6 A 14 2.43 -1.84 2.80
O5' MA6 A 14 1.80 0.58 2.74
C5' MA6 A 14 1.92 1.94 3.13
C4' MA6 A 14 0.63 2.73 2.85
O4' MA6 A 14 0.24 2.68 1.47
C1' MA6 A 14 -1.17 2.56 1.39
N9 MA6 A 14 -1.54 1.23 0.82
N3 MA6 A 14 -3.91 1.67 0.33
N1 MA6 A 14 -4.99 -0.22 -0.62
C6 MA6 A 14 -3.87 -0.99 -0.58
N6 MA6 A 14 -3.95 -2.26 -1.05
C9 MA6 A 14 -2.97 -2.76 -2.03
C10 MA6 A 14 -4.52 -3.28 -0.17
N7 MA6 A 14 -1.38 -0.90 0.13
C8 MA6 A 14 -0.76 0.12 0.65
C2' MA6 A 14 -1.75 2.70 2.80
O2' MA6 A 14 -2.05 4.07 3.04
C3' MA6 A 14 -0.56 2.23 3.67
O3' MA6 A 14 -0.52 2.76 4.99
H2 MA6 A 14 -5.88 1.58 -0.24
H5' MA6 A 14 2.74 2.40 2.58
H5'' MA6 A 14 2.15 1.99 4.19
H4' MA6 A 14 0.81 3.77 3.11
H1' MA6 A 14 -1.58 3.34 0.75
H91 MA6 A 14 -2.77 -2.01 -2.78
H92 MA6 A 14 -3.37 -3.65 -2.52
H93 MA6 A 14 -2.05 -3.03 -1.51
H101 MA6 A 14 -4.74 -4.19 -0.74
H102 MA6 A 14 -5.43 -2.91 0.30
H103 MA6 A 14 -3.80 -3.52 0.61
H8 MA6 A 14 0.28 0.09 0.92
H2' MA6 A 14 -2.62 2.07 2.95
HO2' MA6 A 14 -2.39 4.15 3.94
H3' MA6 A 14 -0.54 1.14 3.70
C2 MA6 A 13 -0.44 3.01 -2.14
C4 MA6 A 13 0.70 1.11 -2.13
C5 MA6 A 13 -0.36 0.35 -2.59
P MA6 A 13 4.29 -4.48 -2.53
OP1 MA6 A 13 5.28 -5.32 -1.79
OP2 MA6 A 13 2.99 -5.09 -2.88
O5' MA6 A 13 4.05 -3.11 -1.74
C5' MA6 A 13 5.12 -2.39 -1.15
C4' MA6 A 13 4.71 -0.94 -0.84
O4' MA6 A 13 4.07 -0.32 -1.95
C1' MA6 A 13 3.10 0.61 -1.46
N9 MA6 A 13 1.74 0.24 -1.95
N3 MA6 A 13 0.73 2.44 -1.88
N1 MA6 A 13 -1.55 2.43 -2.59
C6 MA6 A 13 -1.55 1.10 -2.83
N6 MA6 A 13 -2.69 0.53 -3.30
C9 MA6 A 13 -2.68 -0.14 -4.61
C10 MA6 A 13 -4.02 1.05 -2.91
N7 MA6 A 13 0.01 -1.00 -2.71
C8 MA6 A 13 1.25 -1.00 -2.31
C2' MA6 A 13 3.13 0.58 0.07
O2' MA6 A 13 3.96 1.65 0.50
C3' MA6 A 13 3.77 -0.79 0.36
O3' MA6 A 13 4.50 -0.84 1.58
H2 MA6 A 13 -0.51 4.08 -1.96
H5' MA6 A 13 5.96 -2.36 -1.84
H5'' MA6 A 13 5.45 -2.89 -0.24
H4' MA6 A 13 5.62 -0.36 -0.61
H1' MA6 A 13 3.34 1.61 -1.81
H91 MA6 A 13 -3.51 -0.84 -4.69
H92 MA6 A 13 -1.75 -0.70 -4.74
H93 MA6 A 13 -2.74 0.60 -5.40
H101 MA6 A 13 -4.77 0.26 -2.99
H102 MA6 A 13 -4.29 1.87 -3.57
H103 MA6 A 13 -3.99 1.41 -1.89
H8 MA6 A 13 1.86 -1.90 -2.29
H2' MA6 A 13 2.14 0.64 0.50
HO2' MA6 A 13 3.46 2.49 0.49
H3' MA6 A 13 3.02 -1.58 0.31
C2 MA6 A 14 -4.35 1.38 0.97
C4 MA6 A 14 -2.21 0.91 1.37
C5 MA6 A 14 -2.29 -0.33 0.78
P MA6 A 14 3.78 -1.20 2.97
OP1 MA6 A 14 4.81 -1.06 4.03
OP2 MA6 A 14 3.10 -2.52 2.84
O5' MA6 A 14 2.62 -0.09 3.15
C5' MA6 A 14 2.89 1.20 3.66
C4' MA6 A 14 1.63 2.07 3.70
O4' MA6 A 14 1.05 2.26 2.40
C1' MA6 A 14 -0.37 2.25 2.52
N9 MA6 A 14 -0.92 1.05 1.82
N3 MA6 A 14 -3.22 1.83 1.50
N1 MA6 A 14 -4.57 0.21 0.37
C6 MA6 A 14 -3.56 -0.68 0.25
N6 MA6 A 14 -3.81 -1.85 -0.36
C9 MA6 A 14 -2.87 -2.43 -1.33
C10 MA6 A 14 -4.62 -2.85 0.35
N7 MA6 A 14 -1.05 -0.97 0.85
C8 MA6 A 14 -0.29 -0.11 1.46
C2' MA6 A 14 -0.73 2.18 4.01
O2' MA6 A 14 -0.88 3.50 4.51
C3' MA6 A 14 0.52 1.49 4.59
O3' MA6 A 14 0.74 1.79 5.95
H2 MA6 A 14 -5.21 2.05 1.03
H5' MA6 A 14 3.65 1.69 3.06
H5'' MA6 A 14 3.29 1.11 4.68
H4' MA6 A 14 1.89 3.06 4.10
H1' MA6 A 14 -0.80 3.15 2.08
H91 MA6 A 14 -3.39 -3.15 -1.97
H92 MA6 A 14 -2.06 -2.93 -0.80
H93 MA6 A 14 -2.45 -1.65 -1.95
H101 MA6 A 14 -4.95 -3.62 -0.34
H102 MA6 A 14 -5.49 -2.38 0.81
H103 MA6 A 14 -4.01 -3.31 1.12
H8 MA6 A 14 0.75 -0.29 1.68
H2' MA6 A 14 -1.62 1.58 4.18
HO2' MA6 A 14 -0.88 3.47 5.48
H3' MA6 A 14 0.46 0.41 4.43
C2 MA6 A 13 -0.42 3.06 -2.19
C4 MA6 A 13 0.69 1.12 -2.19
C5 MA6 A 13 -0.39 0.39 -2.62
P MA6 A 13 4.18 -4.52 -2.62
OP1 MA6 A 13 5.16 -5.38 -1.89
OP2 MA6 A 13 2.85 -5.10 -2.97
O5' MA6 A 13 3.96 -3.14 -1.83
C5' MA6 A 13 5.06 -2.44 -1.24
C4' MA6 A 13 4.69 -0.98 -0.95
O4' MA6 A 13 4.04 -0.36 -2.06
C1' MA6 A 13 3.11 0.60 -1.58
N9 MA6 A 13 1.73 0.24 -2.04
N3 MA6 A 13 0.75 2.47 -1.96
N1 MA6 A 13 -1.54 2.48 -2.61
C6 MA6 A 13 -1.57 1.14 -2.84
N6 MA6 A 13 -2.73 0.59 -3.27
C9 MA6 A 13 -2.77 -0.09 -4.58
C10 MA6 A 13 -4.04 1.12 -2.84
N7 MA6 A 13 -0.04 -0.96 -2.74
C8 MA6 A 13 1.22 -0.99 -2.38
C2' MA6 A 13 3.17 0.61 -0.05
O2' MA6 A 13 4.05 1.66 0.33
C3' MA6 A 13 3.77 -0.78 0.26
O3' MA6 A 13 4.50 -0.79 1.48
H2 MA6 A 13 -0.46 4.11 -2.03
H5' MA6 A 13 5.89 -2.46 -1.93
H5'' MA6 A 13 5.35 -2.93 -0.31
H4' MA6 A 13 5.61 -0.43 -0.75
H1' MA6 A 13 3.36 1.59 -1.97
H91 MA6 A 13 -2.85 0.67 -5.38
H92 MA6 A 13 -3.62 -0.76 -4.63
H93 MA6 A 13 -1.85 -0.66 -4.73
H101 MA6 A 13 -4.80 0.34 -2.90
H102 MA6 A 13 -4.32 1.96 -3.48
H103 MA6 A 13 -3.97 1.47 -1.82
H8 MA6 A 13 1.81 -1.90 -2.36
H2' MA6 A 13 2.19 0.73 0.40
HO2' MA6 A 13 4.52 1.38 1.13
H3' MA6 A 13 2.99 -1.53 0.25
C2 MA6 A 14 -4.38 1.42 1.04
C4 MA6 A 14 -2.23 0.97 1.38
C5 MA6 A 14 -2.30 -0.26 0.77
P MA6 A 14 3.80 -1.13 2.87
OP1 MA6 A 14 4.84 -0.97 3.92
OP2 MA6 A 14 3.12 -2.45 2.77
O5' MA6 A 14 2.65 0.00 3.04
C5' MA6 A 14 2.92 1.28 3.57
C4' MA6 A 14 1.65 2.15 3.62
O4' MA6 A 14 1.06 2.33 2.33
C1' MA6 A 14 -0.36 2.31 2.48
N9 MA6 A 14 -0.91 1.13 1.78
N3 MA6 A 14 -3.23 1.88 1.53
N1 MA6 A 14 -4.60 0.25 0.44
C6 MA6 A 14 -3.58 -0.62 0.29
N6 MA6 A 14 -3.84 -1.80 -0.33
C9 MA6 A 14 -2.92 -2.38 -1.31
C10 MA6 A 14 -4.64 -2.81 0.39
N7 MA6 A 14 -1.05 -0.90 0.80
C8 MA6 A 14 -0.28 -0.03 1.40
C2' MA6 A 14 -0.69 2.24 3.96
O2' MA6 A 14 -0.83 3.57 4.47
C3' MA6 A 14 0.57 1.56 4.53
O3' MA6 A 14 0.81 1.87 5.89
H2 MA6 A 14 -5.23 2.08 1.13
H5' MA6 A 14 3.68 1.79 2.96
H5'' MA6 A 14 3.32 1.18 4.58
H4' MA6 A 14 1.93 3.12 4.02
H1' MA6 A 14 -0.80 3.22 2.04
H91 MA6 A 14 -2.51 -1.59 -1.93
H92 MA6 A 14 -3.44 -3.08 -1.96
H93 MA6 A 14 -2.10 -2.89 -0.80
H101 MA6 A 14 -4.01 -3.27 1.16
H102 MA6 A 14 -4.99 -3.56 -0.31
H103 MA6 A 14 -5.50 -2.33 0.86
H8 MA6 A 14 0.76 -0.21 1.58
H2' MA6 A 14 -1.58 1.65 4.16
HO2' MA6 A 14 -0.83 3.53 5.44
H3' MA6 A 14 0.52 0.49 4.37
C2 MA6 A 13 -0.80 3.06 -2.34
C4 MA6 A 13 0.37 1.16 -2.32
C5 MA6 A 13 -0.69 0.39 -2.70
P MA6 A 13 4.65 -4.33 -2.58
OP1 MA6 A 13 5.56 -5.38 -2.06
OP2 MA6 A 13 3.20 -4.62 -2.61
O5' MA6 A 13 4.97 -2.97 -1.77
C5' MA6 A 13 4.07 -2.46 -0.79
C4' MA6 A 13 4.10 -0.93 -0.76
O4' MA6 A 13 3.73 -0.35 -2.01
C1' MA6 A 13 2.82 0.72 -1.79
N9 MA6 A 13 1.44 0.31 -2.19
N3 MA6 A 13 0.40 2.52 -2.12
N1 MA6 A 13 -1.91 2.44 -2.71
C6 MA6 A 13 -1.91 1.09 -2.91
N6 MA6 A 13 -3.06 0.49 -3.28
C9 MA6 A 13 -4.37 1.02 -2.86
C10 MA6 A 13 -3.10 -0.24 -4.56
N7 MA6 A 13 -0.30 -0.96 -2.81
C8 MA6 A 13 0.96 -0.94 -2.48
C2' MA6 A 13 2.86 1.05 -0.30
O2' MA6 A 13 3.92 1.98 -0.06
C3' MA6 A 13 3.18 -0.33 0.31
O3' MA6 A 13 3.81 -0.22 1.58
H2 MA6 A 13 -0.87 4.12 -2.20
H5' MA6 A 13 4.33 -2.86 0.18
H5'' MA6 A 13 3.05 -2.76 -1.03
H4' MA6 A 13 5.13 -0.61 -0.53
H1' MA6 A 13 3.12 1.60 -2.36
H91 MA6 A 13 -4.31 1.44 -1.87
H92 MA6 A 13 -5.12 0.23 -2.88
H93 MA6 A 13 -4.67 1.83 -3.55
H101 MA6 A 13 -2.19 -0.82 -4.70
H102 MA6 A 13 -3.20 0.47 -5.38
H103 MA6 A 13 -3.95 -0.92 -4.57
H8 MA6 A 13 1.57 -1.83 -2.46
H2' MA6 A 13 1.91 1.43 0.07
HO2' MA6 A 13 4.26 1.83 0.84
H3' MA6 A 13 2.28 -0.93 0.37
C2 MA6 A 14 -5.10 1.10 0.68
C4 MA6 A 14 -2.88 1.04 0.90
C5 MA6 A 14 -2.79 -0.26 0.45
P MA6 A 14 2.98 -0.37 2.93
OP1 MA6 A 14 3.92 -0.05 4.05
OP2 MA6 A 14 2.34 -1.71 2.92
O5' MA6 A 14 1.81 0.73 2.83
C5' MA6 A 14 2.05 2.10 3.12
C4' MA6 A 14 0.75 2.92 2.98
O4' MA6 A 14 0.23 2.90 1.65
C1' MA6 A 14 -1.19 2.76 1.69
N9 MA6 A 14 -1.59 1.43 1.18
N3 MA6 A 14 -4.02 1.79 1.05
N1 MA6 A 14 -5.17 -0.14 0.24
C6 MA6 A 14 -4.03 -0.86 0.10
N6 MA6 A 14 -4.13 -2.13 -0.36
C9 MA6 A 14 -3.23 -2.64 -1.40
C10 MA6 A 14 -4.68 -3.17 0.53
N7 MA6 A 14 -1.46 -0.68 0.45
C8 MA6 A 14 -0.80 0.34 0.88
C2' MA6 A 14 -1.63 2.92 3.15
O2' MA6 A 14 -1.89 4.30 3.41
C3' MA6 A 14 -0.38 2.43 3.91
O3' MA6 A 14 -0.21 2.96 5.22
H2 MA6 A 14 -6.05 1.63 0.77
H5' MA6 A 14 2.80 2.51 2.43
H5'' MA6 A 14 2.41 2.21 4.14
H4' MA6 A 14 0.96 3.96 3.24
H1' MA6 A 14 -1.66 3.55 1.08
H91 MA6 A 14 -3.67 -3.50 -1.89
H92 MA6 A 14 -2.28 -2.93 -0.95
H93 MA6 A 14 -3.05 -1.87 -2.14
H101 MA6 A 14 -4.93 -4.06 -0.03
H102 MA6 A 14 -5.58 -2.80 1.03
H103 MA6 A 14 -3.93 -3.41 1.29
H8 MA6 A 14 0.26 0.35 1.00
H2' MA6 A 14 -2.49 2.30 3.39
HO2' MA6 A 14 -2.13 4.38 4.36
H3' MA6 A 14 -0.36 1.34 3.93
C2 MA6 A 13 -0.61 2.89 -2.68
C4 MA6 A 13 0.64 1.06 -2.46
C5 MA6 A 13 -0.33 0.22 -2.98
P MA6 A 13 4.46 -4.31 -2.11
OP1 MA6 A 13 5.37 -5.08 -1.23
OP2 MA6 A 13 3.25 -5.00 -2.64
O5' MA6 A 13 4.03 -2.93 -1.40
C5' MA6 A 13 4.97 -2.16 -0.68
C4' MA6 A 13 4.53 -0.69 -0.58
O4' MA6 A 13 4.04 -0.19 -1.83
C1' MA6 A 13 3.01 0.75 -1.58
N9 MA6 A 13 1.72 0.27 -2.16
N3 MA6 A 13 0.57 2.42 -2.29
N1 MA6 A 13 -1.63 2.21 -3.19
C6 MA6 A 13 -1.54 0.87 -3.36
N6 MA6 A 13 -2.59 0.21 -3.88
C9 MA6 A 13 -2.43 -0.48 -5.17
C10 MA6 A 13 -3.97 0.62 -3.58
N7 MA6 A 13 0.13 -1.10 -2.99
C8 MA6 A 13 1.34 -1.01 -2.50
C2' MA6 A 13 2.86 0.92 -0.07
O2' MA6 A 13 3.68 2.03 0.33
C3' MA6 A 13 3.43 -0.40 0.46
O3' MA6 A 13 3.95 -0.29 1.78
H2 MA6 A 13 -0.74 3.96 -2.58
H5' MA6 A 13 5.93 -2.18 -1.21
H5'' MA6 A 13 5.12 -2.58 0.32
H4' MA6 A 13 5.39 -0.10 -0.30
H1' MA6 A 13 3.26 1.71 -2.03
H91 MA6 A 13 -2.50 0.25 -5.99
H92 MA6 A 13 -3.21 -1.23 -5.29
H93 MA6 A 13 -1.46 -0.98 -5.23
H101 MA6 A 13 -4.04 0.99 -2.57
H102 MA6 A 13 -4.65 -0.22 -3.71
H103 MA6 A 13 -4.26 1.43 -4.26
H8 MA6 A 13 1.99 -1.87 -2.37
H2' MA6 A 13 1.84 1.06 0.24
HO2' MA6 A 13 4.03 1.84 1.21
H3' MA6 A 13 2.68 -1.18 0.40
C2 MA6 A 14 -4.93 1.02 0.09
C4 MA6 A 14 -2.78 0.86 0.60
C5 MA6 A 14 -2.68 -0.44 0.16
P MA6 A 14 3.03 -0.55 3.07
OP1 MA6 A 14 3.88 -0.24 4.26
OP2 MA6 A 14 2.45 -1.91 2.97
O5' MA6 A 14 1.83 0.51 2.93
C5' MA6 A 14 1.96 1.86 3.34
C4' MA6 A 14 0.67 2.66 3.08
O4' MA6 A 14 0.28 2.62 1.71
C1' MA6 A 14 -1.15 2.52 1.64
N9 MA6 A 14 -1.52 1.20 1.06
N3 MA6 A 14 -3.90 1.65 0.59
N1 MA6 A 14 -5.00 -0.23 -0.38
C6 MA6 A 14 -3.88 -1.00 -0.36
N6 MA6 A 14 -3.96 -2.25 -0.84
C9 MA6 A 14 -4.52 -3.30 0.04
C10 MA6 A 14 -3.01 -2.75 -1.84
N7 MA6 A 14 -1.38 -0.93 0.33
C8 MA6 A 14 -0.75 0.09 0.86
C2' MA6 A 14 -1.71 2.65 3.05
O2' MA6 A 14 -2.01 4.02 3.30
C3' MA6 A 14 -0.51 2.16 3.90
O3' MA6 A 14 -0.47 2.67 5.23
H2 MA6 A 14 -5.87 1.58 0.04
H5' MA6 A 14 2.78 2.34 2.79
H5'' MA6 A 14 2.19 1.91 4.40
H4' MA6 A 14 0.85 3.70 3.35
H1' MA6 A 14 -1.56 3.31 1.00
H91 MA6 A 14 -5.43 -2.93 0.52
H92 MA6 A 14 -3.78 -3.54 0.80
H93 MA6 A 14 -4.76 -4.18 -0.54
H101 MA6 A 14 -3.41 -3.63 -2.34
H102 MA6 A 14 -2.07 -3.01 -1.34
H103 MA6 A 14 -2.81 -1.98 -2.58
H8 MA6 A 14 0.30 0.05 1.13
H2' MA6 A 14 -2.58 2.02 3.20
HO2' MA6 A 14 -2.34 4.09 4.22
H3' MA6 A 14 -0.51 1.08 3.92
C2 MA6 A 13 0.41 2.41 0.18
C4 MA6 A 13 1.23 0.38 -0.18
C5 MA6 A 13 0.03 -0.13 -0.64
P MA6 A 13 4.67 -4.67 -1.92
OP1 MA6 A 13 5.53 -5.70 -2.57
OP2 MA6 A 13 3.20 -4.88 -1.96
O5' MA6 A 13 5.18 -4.56 -0.40
C5' MA6 A 13 4.37 -4.04 0.65
C4' MA6 A 13 4.60 -2.54 0.89
O4' MA6 A 13 4.24 -1.76 -0.25
C1' MA6 A 13 3.55 -0.58 0.18
N9 MA6 A 13 2.12 -0.66 -0.23
N3 MA6 A 13 1.49 1.64 0.25
N1 MA6 A 13 -0.80 2.07 -0.25
C6 MA6 A 13 -1.04 0.81 -0.67
N6 MA6 A 13 -2.29 0.48 -1.10
C9 MA6 A 13 -2.47 -0.02 -2.47
C10 MA6 A 13 -3.47 1.16 -0.56
N7 MA6 A 13 0.17 -1.48 -0.99
C8 MA6 A 13 1.42 -1.74 -0.72
C2' MA6 A 13 3.66 -0.51 1.70
O2' MA6 A 13 4.85 0.21 2.04
C3' MA6 A 13 3.78 -2.01 2.07
O3' MA6 A 13 4.45 -2.18 3.31
H2 MA6 A 13 0.53 3.43 0.50
H5' MA6 A 13 4.63 -4.57 1.56
H5'' MA6 A 13 3.32 -4.23 0.43
H4' MA6 A 13 5.66 -2.38 1.10
H1' MA6 A 13 4.00 0.30 -0.27
H91 MA6 A 13 -3.43 -0.53 -2.55
H92 MA6 A 13 -1.69 -0.72 -2.74
H93 MA6 A 13 -2.46 0.81 -3.17
H101 MA6 A 13 -3.33 1.38 0.51
H102 MA6 A 13 -4.36 0.54 -0.67
H103 MA6 A 13 -3.63 2.11 -1.07
H8 MA6 A 13 1.87 -2.71 -0.87
H2' MA6 A 13 2.78 -0.06 2.16
HO2' MA6 A 13 5.17 -0.12 2.90
H3' MA6 A 13 2.80 -2.47 2.06
C2 MA6 A 14 -4.28 0.47 2.86
C4 MA6 A 14 -2.09 0.08 3.05
C5 MA6 A 14 -2.16 -1.10 2.36
P MA6 A 14 3.62 -2.43 4.67
OP1 MA6 A 14 4.62 -2.37 5.77
OP2 MA6 A 14 2.84 -3.68 4.49
O5' MA6 A 14 2.59 -1.19 4.74
C5' MA6 A 14 2.97 0.09 5.25
C4' MA6 A 14 1.77 1.04 5.36
O4' MA6 A 14 1.22 1.36 4.07
C1' MA6 A 14 -0.20 1.38 4.16
N9 MA6 A 14 -0.77 0.24 3.39
N3 MA6 A 14 -3.13 0.92 3.35
N1 MA6 A 14 -4.50 -0.65 2.17
C6 MA6 A 14 -3.45 -1.46 1.90
N6 MA6 A 14 -3.66 -2.60 1.20
C9 MA6 A 14 -3.30 -2.68 -0.22
C10 MA6 A 14 -4.62 -3.61 1.66
N7 MA6 A 14 -0.91 -1.69 2.26
C8 MA6 A 14 -0.13 -0.86 2.89
C2' MA6 A 14 -0.58 1.25 5.65
O2' MA6 A 14 -0.67 2.56 6.22
C3' MA6 A 14 0.63 0.47 6.20
O3' MA6 A 14 0.86 0.69 7.58
H2 MA6 A 14 -5.16 1.08 3.06
H5' MA6 A 14 3.74 0.53 4.60
H5'' MA6 A 14 3.40 -0.04 6.25
H4' MA6 A 14 2.11 1.97 5.82
H1' MA6 A 14 -0.60 2.31 3.76
H91 MA6 A 14 -2.31 -2.23 -0.37
H92 MA6 A 14 -4.04 -2.14 -0.81
H93 MA6 A 14 -3.26 -3.72 -0.55
H101 MA6 A 14 -4.59 -3.67 2.75
H102 MA6 A 14 -4.35 -4.58 1.25
H103 MA6 A 14 -5.62 -3.33 1.34
H8 MA6 A 14 0.93 -1.02 2.99
H2' MA6 A 14 -1.50 0.69 5.78
HO2' MA6 A 14 -0.69 2.46 7.19
H3' MA6 A 14 0.51 -0.60 5.98
C2 MA6 A 13 -0.38 2.78 -0.13
C4 MA6 A 13 0.72 0.86 -0.32
C5 MA6 A 13 -0.36 0.19 -0.85
P MA6 A 13 4.18 -4.72 -1.38
OP1 MA6 A 13 5.14 -5.67 -0.74
OP2 MA6 A 13 2.86 -5.24 -1.82
O5' MA6 A 13 3.95 -3.44 -0.42
C5' MA6 A 13 5.04 -2.84 0.26
C4' MA6 A 13 4.68 -1.41 0.72
O4' MA6 A 13 4.05 -0.66 -0.33
C1' MA6 A 13 3.13 0.24 0.25
N9 MA6 A 13 1.75 -0.05 -0.25
N3 MA6 A 13 0.78 2.17 0.06
N1 MA6 A 13 -1.49 2.27 -0.63
C6 MA6 A 13 -1.53 0.97 -1.01
N6 MA6 A 13 -2.69 0.48 -1.50
C9 MA6 A 13 -2.70 -0.05 -2.88
C10 MA6 A 13 -4.00 0.97 -1.05
N7 MA6 A 13 -0.02 -1.15 -1.11
C8 MA6 A 13 1.23 -1.22 -0.74
C2' MA6 A 13 3.16 0.08 1.77
O2' MA6 A 13 4.05 1.07 2.30
C3' MA6 A 13 3.75 -1.34 1.93
O3' MA6 A 13 4.46 -1.50 3.15
H2 MA6 A 13 -0.41 3.83 0.15
H5' MA6 A 13 5.90 -2.78 -0.41
H5'' MA6 A 13 5.32 -3.45 1.13
H4' MA6 A 13 5.61 -0.90 0.99
H1' MA6 A 13 3.39 1.27 0.00
H91 MA6 A 13 -3.56 -0.70 -3.02
H92 MA6 A 13 -1.79 -0.61 -3.09
H93 MA6 A 13 -2.77 0.79 -3.59
H101 MA6 A 13 -3.95 1.23 0.01
H102 MA6 A 13 -4.77 0.22 -1.20
H103 MA6 A 13 -4.26 1.87 -1.60
H8 MA6 A 13 1.81 -2.14 -0.82
H2' MA6 A 13 2.17 0.13 2.23
HO2' MA6 A 13 4.50 0.69 3.06
H3' MA6 A 13 2.96 -2.09 1.82
C2 MA6 A 14 -4.37 0.87 2.84
C4 MA6 A 14 -2.23 0.36 3.16
C5 MA6 A 14 -2.30 -0.81 2.43
P MA6 A 14 3.74 -2.00 4.48
OP1 MA6 A 14 4.78 -1.98 5.56
OP2 MA6 A 14 3.05 -3.29 4.22
O5' MA6 A 14 2.61 -0.88 4.77
C5' MA6 A 14 2.90 0.33 5.44
C4' MA6 A 14 1.64 1.21 5.57
O4' MA6 A 14 1.06 1.54 4.31
C1' MA6 A 14 -0.36 1.53 4.43
N9 MA6 A 14 -0.92 0.44 3.60
N3 MA6 A 14 -3.22 1.25 3.40
N1 MA6 A 14 -4.59 -0.22 2.11
C6 MA6 A 14 -3.59 -1.10 1.88
N6 MA6 A 14 -3.86 -2.20 1.15
C9 MA6 A 14 -2.93 -2.68 0.11
C10 MA6 A 14 -4.68 -3.26 1.74
N7 MA6 A 14 -1.07 -1.47 2.41
C8 MA6 A 14 -0.31 -0.69 3.11
C2' MA6 A 14 -0.71 1.30 5.90
O2' MA6 A 14 -0.84 2.57 6.55
C3' MA6 A 14 0.53 0.54 6.40
O3' MA6 A 14 0.77 0.70 7.79
H2 MA6 A 14 -5.21 1.53 2.98
H5' MA6 A 14 3.66 0.89 4.89
H5'' MA6 A 14 3.27 0.12 6.44
H4' MA6 A 14 1.92 2.14 6.08
H1' MA6 A 14 -0.77 2.48 4.09
H91 MA6 A 14 -2.50 -1.84 -0.41
H92 MA6 A 14 -3.45 -3.31 -0.60
H93 MA6 A 14 -2.13 -3.26 0.59
H101 MA6 A 14 -5.54 -2.83 2.24
H102 MA6 A 14 -4.09 -3.81 2.46
H103 MA6 A 14 -5.03 -3.93 0.96
H8 MA6 A 14 0.74 -0.91 3.30
H2' MA6 A 14 -1.62 0.70 6.02
HO2' MA6 A 14 -0.86 2.42 7.50
H3' MA6 A 14 0.46 -0.51 6.12
C2 MA6 A 13 -0.93 3.11 -4.88
C4 MA6 A 13 0.48 1.56 -4.12
C5 MA6 A 13 -0.52 0.63 -3.89
P MA6 A 13 4.41 -2.88 -1.33
OP1 MA6 A 13 5.87 -3.05 -1.08
OP2 MA6 A 13 3.54 -3.44 -0.27
O5' MA6 A 13 4.01 -1.34 -1.56
C5' MA6 A 13 4.99 -0.31 -1.48
C4' MA6 A 13 4.61 0.93 -2.30
O4' MA6 A 13 4.00 0.61 -3.55
C1' MA6 A 13 2.99 1.58 -3.83
N9 MA6 A 13 1.66 0.95 -3.75
N3 MA6 A 13 0.34 2.82 -4.63
N1 MA6 A 13 -1.99 2.34 -4.71
C6 MA6 A 13 -1.83 1.08 -4.22
N6 MA6 A 13 -2.93 0.33 -4.05
C9 MA6 A 13 -4.04 0.85 -3.23
C10 MA6 A 13 -3.33 -0.57 -5.14
N7 MA6 A 13 0.02 -0.56 -3.36
C8 MA6 A 13 1.31 -0.30 -3.31
C2' MA6 A 13 3.12 2.69 -2.79
O2' MA6 A 13 4.06 3.66 -3.24
C3' MA6 A 13 3.65 1.89 -1.58
O3' MA6 A 13 4.33 2.66 -0.61
H2 MA6 A 13 -1.12 4.10 -5.29
H5' MA6 A 13 5.95 -0.68 -1.87
H5'' MA6 A 13 5.16 -0.04 -0.44
H4' MA6 A 13 5.52 1.49 -2.50
H1' MA6 A 13 3.13 2.00 -4.83
H91 MA6 A 13 -4.56 1.63 -3.78
H92 MA6 A 13 -3.65 1.27 -2.31
H93 MA6 A 13 -4.75 0.06 -2.99
H101 MA6 A 13 -2.45 -1.09 -5.54
H102 MA6 A 13 -3.79 0.00 -5.95
H103 MA6 A 13 -4.05 -1.31 -4.79
H8 MA6 A 13 2.03 -1.03 -2.95
H2' MA6 A 13 2.15 3.15 -2.55
HO2' MA6 A 13 4.23 4.29 -2.51
H3' MA6 A 13 2.84 1.31 -1.13
C2 MA6 A 14 -5.21 0.75 0.36
C4 MA6 A 14 -3.00 0.61 0.59
C5 MA6 A 14 -2.95 -0.68 0.11
P MA6 A 14 3.55 3.64 0.39
OP1 MA6 A 14 2.27 4.11 -0.20
OP2 MA6 A 14 4.52 4.70 0.75
O5' MA6 A 14 3.33 2.78 1.74
C5' MA6 A 14 2.27 1.84 1.88
C4' MA6 A 14 0.92 2.50 2.19
O4' MA6 A 14 0.06 2.54 1.04
C1' MA6 A 14 -1.27 2.27 1.45
N9 MA6 A 14 -1.69 0.96 0.89
N3 MA6 A 14 -4.11 1.39 0.75
N1 MA6 A 14 -5.31 -0.49 -0.12
C6 MA6 A 14 -4.19 -1.24 -0.27
N6 MA6 A 14 -4.33 -2.49 -0.76
C9 MA6 A 14 -4.01 -3.65 0.08
C10 MA6 A 14 -4.25 -2.71 -2.21
N7 MA6 A 14 -1.62 -1.15 0.11
C8 MA6 A 14 -0.94 -0.14 0.57
C2' MA6 A 14 -1.31 2.22 2.98
O2' MA6 A 14 -1.57 3.53 3.47
C3' MA6 A 14 0.13 1.78 3.29
O3' MA6 A 14 0.57 2.17 4.58
H2 MA6 A 14 -6.13 1.30 0.44
H5' MA6 A 14 2.53 1.18 2.71
H5'' MA6 A 14 2.19 1.22 0.98
H4' MA6 A 14 1.10 3.53 2.52
H1' MA6 A 14 -1.95 3.05 1.09
H91 MA6 A 14 -4.34 -3.47 1.10
H92 MA6 A 14 -2.93 -3.80 0.06
H93 MA6 A 14 -4.51 -4.54 -0.30
H101 MA6 A 14 -4.94 -2.05 -2.73
H102 MA6 A 14 -4.51 -3.74 -2.45
H103 MA6 A 14 -3.22 -2.52 -2.55
H8 MA6 A 14 0.14 -0.17 0.71
H2' MA6 A 14 -2.03 1.49 3.35
HO2' MA6 A 14 -1.42 3.53 4.43
H3' MA6 A 14 0.23 0.71 3.15
C2 MA6 A 13 -0.14 2.83 -2.42
C4 MA6 A 13 0.97 0.91 -2.33
C5 MA6 A 13 -0.06 0.17 -2.84
P MA6 A 13 4.48 -4.74 -2.40
OP1 MA6 A 13 5.39 -5.60 -1.57
OP2 MA6 A 13 3.20 -5.32 -2.86
O5' MA6 A 13 4.19 -3.35 -1.64
C5' MA6 A 13 5.22 -2.65 -0.95
C4' MA6 A 13 4.85 -1.19 -0.72
O4' MA6 A 13 4.30 -0.58 -1.89
C1' MA6 A 13 3.33 0.38 -1.51
N9 MA6 A 13 2.00 0.03 -2.08
N3 MA6 A 13 1.01 2.25 -2.08
N1 MA6 A 13 -1.22 2.25 -2.93
C6 MA6 A 13 -1.23 0.92 -3.16
N6 MA6 A 13 -2.34 0.36 -3.69
C9 MA6 A 13 -2.25 -0.28 -5.02
C10 MA6 A 13 -3.68 0.87 -3.37
N7 MA6 A 13 0.30 -1.18 -2.94
C8 MA6 A 13 1.53 -1.20 -2.47
C2' MA6 A 13 3.26 0.42 0.02
O2' MA6 A 13 4.10 1.48 0.47
C3' MA6 A 13 3.82 -0.96 0.40
O3' MA6 A 13 4.43 -0.97 1.69
H2 MA6 A 13 -0.20 3.90 -2.25
H5' MA6 A 13 6.14 -2.67 -1.56
H5'' MA6 A 13 5.44 -3.15 0.00
H4' MA6 A 13 5.75 -0.64 -0.44
H1' MA6 A 13 3.62 1.37 -1.88
H91 MA6 A 13 -3.10 -0.97 -5.16
H92 MA6 A 13 -1.33 -0.85 -5.10
H93 MA6 A 13 -2.28 0.47 -5.80
H101 MA6 A 13 -3.92 1.71 -4.00
H102 MA6 A 13 -3.70 1.20 -2.32
H103 MA6 A 13 -4.42 0.09 -3.49
H8 MA6 A 13 2.11 -2.11 -2.40
H2' MA6 A 13 2.23 0.54 0.38
HO2' MA6 A 13 4.49 1.19 1.31
H3' MA6 A 13 3.03 -1.72 0.33
C2 MA6 A 14 -4.40 1.18 0.50
C4 MA6 A 14 -2.27 0.77 1.00
C5 MA6 A 14 -2.28 -0.47 0.41
P MA6 A 14 3.60 -1.29 3.01
OP1 MA6 A 14 4.54 -1.13 4.15
OP2 MA6 A 14 2.92 -2.61 2.86
O5' MA6 A 14 2.44 -0.17 3.06
C5' MA6 A 14 2.68 1.12 3.59
C4' MA6 A 14 1.40 1.99 3.55
O4' MA6 A 14 0.91 2.17 2.21
C1' MA6 A 14 -0.52 2.14 2.24
N9 MA6 A 14 -1.00 0.93 1.50
N3 MA6 A 14 -3.31 1.66 1.08
N1 MA6 A 14 -4.56 0.01 -0.11
C6 MA6 A 14 -3.52 -0.86 -0.18
N6 MA6 A 14 -3.72 -2.03 -0.81
C9 MA6 A 14 -4.49 -3.08 -0.12
C10 MA6 A 14 -2.72 -2.57 -1.74
N7 MA6 A 14 -1.04 -1.09 0.53
C8 MA6 A 14 -0.33 -0.22 1.18
C2' MA6 A 14 -0.97 2.07 3.69
O2' MA6 A 14 -1.17 3.39 4.18
C3' MA6 A 14 0.25 1.40 4.37
O3' MA6 A 14 0.38 1.74 5.74
H2 MA6 A 14 -5.27 1.84 0.51
H5' MA6 A 14 3.47 1.63 3.04
H5'' MA6 A 14 2.99 1.04 4.64
H4' MA6 A 14 1.63 2.97 3.95
H1' MA6 A 14 -0.92 3.03 1.76
H91 MA6 A 14 -3.89 -3.51 0.66
H92 MA6 A 14 -4.80 -3.85 -0.82
H93 MA6 A 14 -5.38 -2.63 0.34
H101 MA6 A 14 -2.30 -1.78 -2.34
H102 MA6 A 14 -3.19 -3.30 -2.42
H103 MA6 A 14 -1.93 -3.06 -1.19
H8 MA6 A 14 0.71 -0.38 1.45
H2' MA6 A 14 -1.86 1.46 3.82
HO2' MA6 A 14 -1.24 3.36 5.15
H3' MA6 A 14 0.21 0.32 4.22
C2 MA6 A 13 -0.32 2.90 -2.22
C4 MA6 A 13 0.73 0.95 -2.20
C5 MA6 A 13 -0.39 0.23 -2.58
P MA6 A 13 4.73 -3.93 -2.93
OP1 MA6 A 13 5.71 -4.97 -3.34
OP2 MA6 A 13 3.28 -4.30 -2.97
O5' MA6 A 13 5.16 -3.49 -1.43
C5' MA6 A 13 4.26 -2.87 -0.54
C4' MA6 A 13 4.33 -1.34 -0.57
O4' MA6 A 13 3.97 -0.81 -1.84
C1' MA6 A 13 3.13 0.34 -1.65
N9 MA6 A 13 1.74 0.03 -2.06
N3 MA6 A 13 0.84 2.29 -2.00
N1 MA6 A 13 -1.47 2.36 -2.60
C6 MA6 A 13 -1.55 1.02 -2.79
N6 MA6 A 13 -2.74 0.49 -3.17
C9 MA6 A 13 -2.83 -0.27 -4.43
C10 MA6 A 13 -4.02 1.11 -2.76
N7 MA6 A 13 -0.08 -1.13 -2.69
C8 MA6 A 13 1.18 -1.19 -2.36
C2' MA6 A 13 3.19 0.71 -0.17
O2' MA6 A 13 4.30 1.59 0.05
C3' MA6 A 13 3.42 -0.67 0.46
O3' MA6 A 13 4.03 -0.56 1.75
H2 MA6 A 13 -0.33 3.97 -2.08
H5' MA6 A 13 4.51 -3.19 0.47
H5'' MA6 A 13 3.23 -3.18 -0.74
H4' MA6 A 13 5.36 -1.04 -0.36
H1' MA6 A 13 3.50 1.18 -2.26
H91 MA6 A 13 -2.92 0.42 -5.27
H92 MA6 A 13 -3.71 -0.92 -4.41
H93 MA6 A 13 -1.94 -0.88 -4.57
H101 MA6 A 13 -3.93 1.53 -1.76
H102 MA6 A 13 -4.82 0.38 -2.77
H103 MA6 A 13 -4.26 1.92 -3.45
H8 MA6 A 13 1.73 -2.12 -2.33
H2' MA6 A 13 2.25 1.15 0.18
HO2' MA6 A 13 4.59 1.47 0.97
H3' MA6 A 13 2.49 -1.22 0.52
C2 MA6 A 14 -4.84 1.13 0.76
C4 MA6 A 14 -2.63 0.98 0.98
C5 MA6 A 14 -2.60 -0.32 0.53
P MA6 A 14 3.15 -0.66 3.09
OP1 MA6 A 14 4.08 -0.37 4.22
OP2 MA6 A 14 2.47 -1.99 3.07
O5' MA6 A 14 2.04 0.48 2.95
C5' MA6 A 14 2.31 1.84 3.23
C4' MA6 A 14 1.05 2.71 3.08
O4' MA6 A 14 0.54 2.71 1.75
C1' MA6 A 14 -0.88 2.64 1.78
N9 MA6 A 14 -1.33 1.32 1.27
N3 MA6 A 14 -3.74 1.77 1.12
N1 MA6 A 14 -4.96 -0.11 0.30
C6 MA6 A 14 -3.85 -0.89 0.17
N6 MA6 A 14 -4.00 -2.14 -0.29
C9 MA6 A 14 -4.59 -3.16 0.59
C10 MA6 A 14 -3.11 -2.69 -1.33
N7 MA6 A 14 -1.28 -0.80 0.52
C8 MA6 A 14 -0.58 0.21 0.97
C2' MA6 A 14 -1.32 2.81 3.23
O2' MA6 A 14 -1.53 4.20 3.49
C3' MA6 A 14 -0.10 2.26 3.99
O3' MA6 A 14 0.07 2.77 5.31
H2 MA6 A 14 -5.76 1.69 0.84
H5' MA6 A 14 3.08 2.22 2.55
H5'' MA6 A 14 2.68 1.94 4.26
H4' MA6 A 14 1.30 3.75 3.35
H1' MA6 A 14 -1.32 3.44 1.17
H91 MA6 A 14 -3.86 -3.45 1.34
H92 MA6 A 14 -4.89 -4.04 0.02
H93 MA6 A 14 -5.48 -2.75 1.09
H101 MA6 A 14 -2.18 -3.01 -0.87
H102 MA6 A 14 -2.89 -1.91 -2.07
H103 MA6 A 14 -3.58 -3.53 -1.83
H8 MA6 A 14 0.49 0.17 1.08
H2' MA6 A 14 -2.22 2.23 3.45
HO2' MA6 A 14 -1.77 4.30 4.43
H3' MA6 A 14 -0.14 1.18 4.00
C2 MA6 A 13 -0.87 2.94 -2.35
C4 MA6 A 13 0.41 1.12 -2.43
C5 MA6 A 13 -0.60 0.32 -2.92
P MA6 A 13 4.28 -4.05 -3.17
OP1 MA6 A 13 5.18 -5.21 -2.93
OP2 MA6 A 13 2.84 -4.25 -2.97
O5' MA6 A 13 4.83 -2.84 -2.24
C5' MA6 A 13 4.13 -2.44 -1.06
C4' MA6 A 13 4.15 -0.91 -0.87
O4' MA6 A 13 3.83 -0.22 -2.09
C1' MA6 A 13 2.85 0.77 -1.82
N9 MA6 A 13 1.52 0.32 -2.31
N3 MA6 A 13 0.35 2.45 -2.12
N1 MA6 A 13 -1.93 2.30 -2.80
C6 MA6 A 13 -1.84 0.98 -3.12
N6 MA6 A 13 -2.95 0.36 -3.59
C9 MA6 A 13 -2.90 -0.28 -4.92
C10 MA6 A 13 -4.29 0.82 -3.22
N7 MA6 A 13 -0.13 -1.00 -3.11
C8 MA6 A 13 1.12 -0.92 -2.74
C2' MA6 A 13 2.81 0.97 -0.31
O2' MA6 A 13 3.81 1.94 0.04
C3' MA6 A 13 3.18 -0.43 0.20
O3' MA6 A 13 3.77 -0.42 1.49
H2 MA6 A 13 -1.00 3.99 -2.12
H5' MA6 A 13 4.57 -2.92 -0.19
H5'' MA6 A 13 3.09 -2.74 -1.11
H4' MA6 A 13 5.16 -0.61 -0.58
H1' MA6 A 13 3.12 1.71 -2.31
H91 MA6 A 13 -2.98 0.48 -5.69
H92 MA6 A 13 -3.71 -1.00 -5.02
H93 MA6 A 13 -1.96 -0.82 -5.06
H101 MA6 A 13 -4.58 1.68 -3.84
H102 MA6 A 13 -4.31 1.13 -2.18
H103 MA6 A 13 -5.03 0.03 -3.36
H8 MA6 A 13 1.79 -1.78 -2.75
H2' MA6 A 13 1.83 1.28 0.04
HO2' MA6 A 13 3.49 2.83 -0.16
H3' MA6 A 13 2.29 -1.06 0.18
C2 MA6 A 14 -5.21 1.08 0.44
C4 MA6 A 14 -3.00 0.96 0.69
C5 MA6 A 14 -2.94 -0.34 0.24
P MA6 A 14 2.89 -0.52 2.82
OP1 MA6 A 14 3.79 -0.18 3.96
OP2 MA6 A 14 2.25 -1.86 2.83
O5' MA6 A 14 1.72 0.58 2.67
C5' MA6 A 14 1.93 1.96 2.98
C4' MA6 A 14 0.65 2.78 2.80
O4' MA6 A 14 0.16 2.74 1.46
C1' MA6 A 14 -1.27 2.65 1.49
N9 MA6 A 14 -1.70 1.33 0.97
N3 MA6 A 14 -4.12 1.74 0.81
N1 MA6 A 14 -5.31 -0.17 -0.01
C6 MA6 A 14 -4.19 -0.92 -0.11
N6 MA6 A 14 -4.31 -2.18 -0.57
C9 MA6 A 14 -4.47 -3.25 0.42
C10 MA6 A 14 -3.64 -2.60 -1.81
N7 MA6 A 14 -1.63 -0.81 0.26
C8 MA6 A 14 -0.95 0.22 0.70
C2' MA6 A 14 -1.72 2.82 2.94
O2' MA6 A 14 -1.97 4.21 3.18
C3' MA6 A 14 -0.49 2.33 3.71
O3' MA6 A 14 -0.34 2.87 5.02
H2 MA6 A 14 -6.15 1.63 0.50
H5' MA6 A 14 2.72 2.36 2.34
H5'' MA6 A 14 2.26 2.04 4.02
H4' MA6 A 14 0.87 3.82 3.04
H1' MA6 A 14 -1.71 3.44 0.87
H91 MA6 A 14 -5.22 -2.97 1.16
H92 MA6 A 14 -3.52 -3.42 0.92
H93 MA6 A 14 -4.80 -4.18 -0.06
H101 MA6 A 14 -2.57 -2.64 -1.67
H102 MA6 A 14 -3.87 -1.89 -2.61
H103 MA6 A 14 -4.00 -3.58 -2.13
H8 MA6 A 14 0.12 0.20 0.83
H2' MA6 A 14 -2.60 2.22 3.17
HO2' MA6 A 14 -2.21 4.31 4.12
H3' MA6 A 14 -0.50 1.23 3.76
C2 MA6 A 13 -0.39 3.04 -2.22
C4 MA6 A 13 0.73 1.12 -2.20
C5 MA6 A 13 -0.34 0.38 -2.64
P MA6 A 13 4.23 -4.52 -2.61
OP1 MA6 A 13 5.21 -5.37 -1.88
OP2 MA6 A 13 2.92 -5.10 -2.97
O5' MA6 A 13 4.00 -3.14 -1.81
C5' MA6 A 13 5.09 -2.44 -1.22
C4' MA6 A 13 4.72 -0.97 -0.94
O4' MA6 A 13 4.08 -0.36 -2.05
C1' MA6 A 13 3.14 0.60 -1.57
N9 MA6 A 13 1.77 0.24 -2.05
N3 MA6 A 13 0.77 2.47 -1.96
N1 MA6 A 13 -1.50 2.47 -2.64
C6 MA6 A 13 -1.53 1.14 -2.87
N6 MA6 A 13 -2.68 0.58 -3.31
C9 MA6 A 13 -2.70 -0.10 -4.62
C10 MA6 A 13 -4.00 1.10 -2.89
N7 MA6 A 13 0.01 -0.97 -2.75
C8 MA6 A 13 1.26 -0.99 -2.39
C2' MA6 A 13 3.19 0.60 -0.05
O2' MA6 A 13 4.06 1.66 0.34
C3' MA6 A 13 3.79 -0.78 0.26
O3' MA6 A 13 4.51 -0.79 1.50
H2 MA6 A 13 -0.44 4.11 -2.05
H5' MA6 A 13 5.94 -2.44 -1.90
H5'' MA6 A 13 5.39 -2.93 -0.30
H4' MA6 A 13 5.64 -0.43 -0.73
H1' MA6 A 13 3.39 1.59 -1.95
H91 MA6 A 13 -2.79 0.65 -5.41
H92 MA6 A 13 -3.55 -0.78 -4.68
H93 MA6 A 13 -1.78 -0.67 -4.77
H101 MA6 A 13 -3.94 1.45 -1.86
H102 MA6 A 13 -4.75 0.32 -2.96
H103 MA6 A 13 -4.28 1.93 -3.53
H8 MA6 A 13 1.85 -1.90 -2.36
H2' MA6 A 13 2.20 0.72 0.40
HO2' MA6 A 13 4.53 1.39 1.15
H3' MA6 A 13 3.01 -1.53 0.26
C2 MA6 A 14 -4.36 1.40 0.99
C4 MA6 A 14 -2.22 0.96 1.34
C5 MA6 A 14 -2.28 -0.28 0.75
P MA6 A 14 3.80 -1.13 2.89
OP1 MA6 A 14 4.83 -0.98 3.94
OP2 MA6 A 14 3.13 -2.45 2.77
O5' MA6 A 14 2.65 -0.01 3.05
C5' MA6 A 14 2.92 1.27 3.58
C4' MA6 A 14 1.65 2.14 3.62
O4' MA6 A 14 1.06 2.33 2.32
C1' MA6 A 14 -0.36 2.30 2.46
N9 MA6 A 14 -0.90 1.11 1.76
N3 MA6 A 14 -3.23 1.85 1.50
N1 MA6 A 14 -4.58 0.23 0.38
C6 MA6 A 14 -3.56 -0.64 0.24
N6 MA6 A 14 -3.81 -1.82 -0.38
C9 MA6 A 14 -2.88 -2.39 -1.35
C10 MA6 A 14 -4.61 -2.83 0.33
N7 MA6 A 14 -1.03 -0.91 0.77
C8 MA6 A 14 -0.27 -0.04 1.39
C2' MA6 A 14 -0.70 2.23 3.94
O2' MA6 A 14 -0.86 3.56 4.45
C3' MA6 A 14 0.55 1.55 4.52
O3' MA6 A 14 0.79 1.86 5.89
H2 MA6 A 14 -5.22 2.06 1.07
H5' MA6 A 14 3.66 1.78 2.97
H5'' MA6 A 14 3.31 1.18 4.59
H4' MA6 A 14 1.91 3.12 4.02
H1' MA6 A 14 -0.79 3.20 2.02
H91 MA6 A 14 -2.46 -1.60 -1.97
H92 MA6 A 14 -3.39 -3.10 -2.00
H93 MA6 A 14 -2.06 -2.90 -0.84
H101 MA6 A 14 -4.00 -3.29 1.10
H102 MA6 A 14 -4.95 -3.59 -0.37
H103 MA6 A 14 -5.48 -2.36 0.81
H8 MA6 A 14 0.78 -0.22 1.57
H2' MA6 A 14 -1.59 1.63 4.14
HO2' MA6 A 14 -0.86 3.51 5.43
H3' MA6 A 14 0.50 0.47 4.36
C2 MA6 A 13 0.34 2.78 -1.93
C4 MA6 A 13 1.15 0.73 -2.07
C5 MA6 A 13 -0.05 0.17 -2.46
P MA6 A 13 4.61 -4.46 -3.31
OP1 MA6 A 13 5.48 -5.56 -3.84
OP2 MA6 A 13 3.15 -4.70 -3.30
O5' MA6 A 13 5.16 -4.20 -1.81
C5' MA6 A 13 4.36 -3.57 -0.83
C4' MA6 A 13 4.56 -2.04 -0.75
O4' MA6 A 13 4.17 -1.40 -1.97
C1' MA6 A 13 3.49 -0.19 -1.65
N9 MA6 A 13 2.05 -0.32 -2.02
N3 MA6 A 13 1.42 2.03 -1.80
N1 MA6 A 13 -0.88 2.39 -2.29
C6 MA6 A 13 -1.13 1.10 -2.57
N6 MA6 A 13 -2.38 0.73 -2.94
C9 MA6 A 13 -2.60 0.05 -4.22
C10 MA6 A 13 -3.55 1.49 -2.46
N7 MA6 A 13 0.08 -1.22 -2.65
C8 MA6 A 13 1.35 -1.44 -2.38
C2' MA6 A 13 3.62 0.05 -0.15
O2' MA6 A 13 4.81 0.82 0.08
C3' MA6 A 13 3.77 -1.38 0.38
O3' MA6 A 13 4.45 -1.44 1.62
H2 MA6 A 13 0.46 3.84 -1.72
H5' MA6 A 13 4.62 -3.98 0.15
H5'' MA6 A 13 3.30 -3.78 -0.98
H4' MA6 A 13 5.63 -1.85 -0.58
H1' MA6 A 13 3.93 0.65 -2.20
H91 MA6 A 13 -2.61 0.79 -5.03
H92 MA6 A 13 -3.55 -0.48 -4.21
H93 MA6 A 13 -1.81 -0.68 -4.42
H101 MA6 A 13 -4.44 0.85 -2.49
H102 MA6 A 13 -3.71 2.36 -3.09
H103 MA6 A 13 -3.39 1.82 -1.44
H8 MA6 A 13 1.79 -2.42 -2.43
H2' MA6 A 13 2.74 0.54 0.28
HO2' MA6 A 13 5.14 0.60 0.96
H3' MA6 A 13 2.79 -1.86 0.44
C2 MA6 A 14 -4.33 1.30 1.08
C4 MA6 A 14 -2.16 0.86 1.27
C5 MA6 A 14 -2.27 -0.38 0.69
P MA6 A 14 3.65 -1.52 3.00
OP1 MA6 A 14 4.66 -1.36 4.08
OP2 MA6 A 14 2.86 -2.78 2.98
O5' MA6 A 14 2.62 -0.29 2.97
C5' MA6 A 14 3.00 1.03 3.34
C4' MA6 A 14 1.79 1.98 3.38
O4' MA6 A 14 1.19 2.17 2.09
C1' MA6 A 14 -0.22 2.21 2.23
N9 MA6 A 14 -0.82 1.02 1.58
N3 MA6 A 14 -3.16 1.76 1.51
N1 MA6 A 14 -4.59 0.13 0.49
C6 MA6 A 14 -3.57 -0.74 0.28
N6 MA6 A 14 -3.87 -1.92 -0.32
C9 MA6 A 14 -4.62 -2.94 0.44
C10 MA6 A 14 -3.00 -2.48 -1.37
N7 MA6 A 14 -1.02 -1.00 0.61
C8 MA6 A 14 -0.21 -0.13 1.16
C2' MA6 A 14 -0.55 2.20 3.72
O2' MA6 A 14 -0.64 3.55 4.19
C3' MA6 A 14 0.67 1.48 4.31
O3' MA6 A 14 0.94 1.83 5.67
H2 MA6 A 14 -5.18 1.95 1.23
H5' MA6 A 14 3.73 1.42 2.64
H5'' MA6 A 14 3.45 1.01 4.34
H4' MA6 A 14 2.12 2.95 3.76
H1' MA6 A 14 -0.62 3.11 1.77
H91 MA6 A 14 -5.00 -3.71 -0.23
H92 MA6 A 14 -5.45 -2.47 0.97
H93 MA6 A 14 -3.95 -3.39 1.16
H101 MA6 A 14 -3.56 -3.21 -1.97
H102 MA6 A 14 -2.15 -2.99 -0.91
H103 MA6 A 14 -2.65 -1.69 -2.02
H8 MA6 A 14 0.86 -0.31 1.27
H2' MA6 A 14 -1.47 1.65 3.95
HO2' MA6 A 14 -0.62 3.54 5.17
H3' MA6 A 14 0.56 0.40 4.20
C2 MA6 A 13 -0.76 3.05 -2.23
C4 MA6 A 13 0.41 1.16 -2.23
C5 MA6 A 13 -0.66 0.38 -2.62
P MA6 A 13 4.68 -4.35 -2.51
OP1 MA6 A 13 5.58 -5.41 -1.98
OP2 MA6 A 13 3.22 -4.64 -2.54
O5' MA6 A 13 4.99 -3.01 -1.67
C5' MA6 A 13 4.08 -2.49 -0.71
C4' MA6 A 13 4.13 -0.96 -0.65
O4' MA6 A 13 3.76 -0.37 -1.90
C1' MA6 A 13 2.85 0.71 -1.67
N9 MA6 A 13 1.48 0.30 -2.09
N3 MA6 A 13 0.43 2.51 -2.01
N1 MA6 A 13 -1.87 2.45 -2.62
C6 MA6 A 13 -1.87 1.10 -2.82
N6 MA6 A 13 -3.02 0.51 -3.21
C9 MA6 A 13 -4.33 1.04 -2.81
C10 MA6 A 13 -3.06 -0.22 -4.50
N7 MA6 A 13 -0.28 -0.96 -2.74
C8 MA6 A 13 0.98 -0.95 -2.41
C2' MA6 A 13 2.89 1.01 -0.18
O2' MA6 A 13 3.94 1.94 0.07
C3' MA6 A 13 3.19 -0.37 0.41
O3' MA6 A 13 3.81 -0.27 1.69
H2 MA6 A 13 -0.83 4.12 -2.08
H5' MA6 A 13 4.33 -2.90 0.27
H5'' MA6 A 13 3.06 -2.78 -0.95
H4' MA6 A 13 5.15 -0.66 -0.42
H1' MA6 A 13 3.16 1.58 -2.24
H91 MA6 A 13 -5.09 0.24 -2.83
H92 MA6 A 13 -4.63 1.84 -3.48
H93 MA6 A 13 -4.27 1.44 -1.80
H101 MA6 A 13 -2.14 -0.79 -4.63
H102 MA6 A 13 -3.14 0.50 -5.31
H103 MA6 A 13 -3.91 -0.90 -4.53
H8 MA6 A 13 1.60 -1.84 -2.39
H2' MA6 A 13 1.93 1.39 0.19
HO2' MA6 A 13 4.28 1.79 0.97
H3' MA6 A 13 2.28 -0.97 0.46
C2 MA6 A 14 -5.08 1.08 0.75
C4 MA6 A 14 -2.87 1.01 0.98
C5 MA6 A 14 -2.78 -0.29 0.52
P MA6 A 14 2.97 -0.43 3.04
OP1 MA6 A 14 3.91 -0.13 4.16
OP2 MA6 A 14 2.34 -1.78 3.01
O5' MA6 A 14 1.81 0.67 2.94
C5' MA6 A 14 2.05 2.04 3.24
C4' MA6 A 14 0.75 2.87 3.10
O4' MA6 A 14 0.24 2.85 1.76
C1' MA6 A 14 -1.17 2.72 1.80
N9 MA6 A 14 -1.58 1.39 1.27
N3 MA6 A 14 -4.00 1.77 1.12
N1 MA6 A 14 -5.16 -0.16 0.29
C6 MA6 A 14 -4.01 -0.89 0.16
N6 MA6 A 14 -4.12 -2.15 -0.32
C9 MA6 A 14 -3.21 -2.65 -1.37
C10 MA6 A 14 -4.67 -3.19 0.56
N7 MA6 A 14 -1.45 -0.73 0.52
C8 MA6 A 14 -0.79 0.31 0.97
C2' MA6 A 14 -1.61 2.86 3.26
O2' MA6 A 14 -1.89 4.24 3.53
C3' MA6 A 14 -0.38 2.37 4.01
O3' MA6 A 14 -0.22 2.88 5.33
H2 MA6 A 14 -6.02 1.62 0.83
H5' MA6 A 14 2.80 2.45 2.57
H5'' MA6 A 14 2.41 2.13 4.26
H4' MA6 A 14 0.97 3.90 3.37
H1' MA6 A 14 -1.64 3.50 1.19
H91 MA6 A 14 -2.27 -2.94 -0.91
H92 MA6 A 14 -3.02 -1.87 -2.10
H93 MA6 A 14 -3.65 -3.51 -1.86
H101 MA6 A 14 -4.92 -4.08 -0.02
H102 MA6 A 14 -5.57 -2.81 1.05
H103 MA6 A 14 -3.94 -3.44 1.32
H8 MA6 A 14 0.28 0.31 1.09
H2' MA6 A 14 -2.49 2.24 3.48
HO2' MA6 A 14 -2.14 4.32 4.46
H3' MA6 A 14 -0.37 1.27 4.03
C2 MA6 A 13 0.27 2.77 -1.86
C4 MA6 A 13 1.09 0.71 -1.99
C5 MA6 A 13 -0.11 0.15 -2.36
P MA6 A 13 4.61 -4.42 -3.29
OP1 MA6 A 13 5.48 -5.49 -3.86
OP2 MA6 A 13 3.15 -4.68 -3.25
O5' MA6 A 13 5.18 -4.16 -1.80
C5' MA6 A 13 4.38 -3.55 -0.79
C4' MA6 A 13 4.56 -2.03 -0.71
O4' MA6 A 13 4.14 -1.38 -1.91
C1' MA6 A 13 3.44 -0.18 -1.59
N9 MA6 A 13 2.00 -0.32 -1.94
N3 MA6 A 13 1.35 2.02 -1.72
N1 MA6 A 13 -0.95 2.37 -2.21
C6 MA6 A 13 -1.19 1.07 -2.47
N6 MA6 A 13 -2.45 0.70 -2.82
C9 MA6 A 13 -2.68 -0.02 -4.09
C10 MA6 A 13 -3.62 1.47 -2.38
N7 MA6 A 13 0.04 -1.25 -2.54
C8 MA6 A 13 1.30 -1.45 -2.28
C2' MA6 A 13 3.59 0.04 -0.08
O2' MA6 A 13 4.75 0.84 0.15
C3' MA6 A 13 3.77 -1.40 0.43
O3' MA6 A 13 4.48 -1.43 1.67
H2 MA6 A 13 0.38 3.82 -1.66
H5' MA6 A 13 4.70 -3.97 0.17
H5'' MA6 A 13 3.33 -3.80 -0.92
H4' MA6 A 13 5.63 -1.81 -0.56
H1' MA6 A 13 3.86 0.66 -2.12
H91 MA6 A 13 -1.88 -0.76 -4.27
H92 MA6 A 13 -2.69 0.68 -4.92
H93 MA6 A 13 -3.63 -0.55 -4.06
H101 MA6 A 13 -3.45 1.84 -1.36
H102 MA6 A 13 -4.51 0.84 -2.39
H103 MA6 A 13 -3.77 2.31 -3.04
H8 MA6 A 13 1.75 -2.43 -2.33
H2' MA6 A 13 2.70 0.50 0.36
HO2' MA6 A 13 5.10 0.61 1.02
H3' MA6 A 13 2.80 -1.89 0.51
C2 MA6 A 14 -4.28 1.27 1.15
C4 MA6 A 14 -2.12 0.82 1.36
C5 MA6 A 14 -2.23 -0.41 0.78
P MA6 A 14 3.71 -1.55 3.07
OP1 MA6 A 14 4.74 -1.39 4.13
OP2 MA6 A 14 2.94 -2.82 3.04
O5' MA6 A 14 2.66 -0.34 3.07
C5' MA6 A 14 3.04 0.98 3.45
C4' MA6 A 14 1.82 1.93 3.49
O4' MA6 A 14 1.23 2.12 2.20
C1' MA6 A 14 -0.19 2.16 2.35
N9 MA6 A 14 -0.79 0.97 1.68
N3 MA6 A 14 -3.12 1.73 1.59
N1 MA6 A 14 -4.56 0.11 0.57
C6 MA6 A 14 -3.55 -0.77 0.36
N6 MA6 A 14 -3.85 -1.95 -0.23
C9 MA6 A 14 -2.97 -2.56 -1.24
C10 MA6 A 14 -4.68 -2.92 0.49
N7 MA6 A 14 -1.00 -1.05 0.73
C8 MA6 A 14 -0.19 -0.19 1.27
C2' MA6 A 14 -0.52 2.16 3.83
O2' MA6 A 14 -0.61 3.50 4.29
C3' MA6 A 14 0.71 1.43 4.42
O3' MA6 A 14 0.96 1.77 5.77
H2 MA6 A 14 -5.14 1.94 1.29
H5' MA6 A 14 3.77 1.37 2.75
H5'' MA6 A 14 3.48 0.97 4.44
H4' MA6 A 14 2.15 2.90 3.86
H1' MA6 A 14 -0.58 3.06 1.87
H91 MA6 A 14 -2.14 -3.07 -0.74
H92 MA6 A 14 -2.56 -1.78 -1.88
H93 MA6 A 14 -3.52 -3.26 -1.85
H101 MA6 A 14 -5.52 -2.42 0.97
H102 MA6 A 14 -4.08 -3.40 1.26
H103 MA6 A 14 -5.06 -3.68 -0.19
H8 MA6 A 14 0.88 -0.38 1.39
H2' MA6 A 14 -1.44 1.61 4.05
HO2' MA6 A 14 -0.59 3.49 5.27
H3' MA6 A 14 0.60 0.35 4.30
C2 MA6 A 13 -0.10 2.81 -2.45
C4 MA6 A 13 1.01 0.88 -2.32
C5 MA6 A 13 -0.04 0.14 -2.83
P MA6 A 13 4.50 -4.77 -2.41
OP1 MA6 A 13 5.41 -5.62 -1.59
OP2 MA6 A 13 3.21 -5.36 -2.85
O5' MA6 A 13 4.22 -3.38 -1.65
C5' MA6 A 13 5.26 -2.69 -0.97
C4' MA6 A 13 4.87 -1.22 -0.73
O4' MA6 A 13 4.33 -0.61 -1.90
C1' MA6 A 13 3.36 0.35 -1.51
N9 MA6 A 13 2.03 -0.01 -2.07
N3 MA6 A 13 1.04 2.23 -2.09
N1 MA6 A 13 -1.18 2.23 -2.95
C6 MA6 A 13 -1.20 0.90 -3.17
N6 MA6 A 13 -2.31 0.34 -3.69
C9 MA6 A 13 -2.24 -0.35 -4.99
C10 MA6 A 13 -3.65 0.87 -3.37
N7 MA6 A 13 0.32 -1.21 -2.92
C8 MA6 A 13 1.54 -1.23 -2.45
C2' MA6 A 13 3.28 0.38 0.03
O2' MA6 A 13 4.14 1.43 0.47
C3' MA6 A 13 3.86 -1.00 0.39
O3' MA6 A 13 4.48 -1.01 1.67
H2 MA6 A 13 -0.15 3.87 -2.29
H5' MA6 A 13 6.16 -2.70 -1.59
H5'' MA6 A 13 5.48 -3.18 -0.02
H4' MA6 A 13 5.78 -0.68 -0.46
H1' MA6 A 13 3.64 1.34 -1.88
H91 MA6 A 13 -2.25 0.40 -5.79
H92 MA6 A 13 -3.08 -1.02 -5.11
H93 MA6 A 13 -1.32 -0.92 -5.07
H101 MA6 A 13 -3.88 1.69 -4.05
H102 MA6 A 13 -3.67 1.23 -2.35
H103 MA6 A 13 -4.41 0.09 -3.49
H8 MA6 A 13 2.12 -2.14 -2.37
H2' MA6 A 13 2.27 0.50 0.39
HO2' MA6 A 13 4.54 1.16 1.32
H3' MA6 A 13 3.08 -1.76 0.33
C2 MA6 A 14 -4.31 1.21 0.46
C4 MA6 A 14 -2.20 0.77 0.98
C5 MA6 A 14 -2.23 -0.48 0.40
P MA6 A 14 3.66 -1.34 3.00
OP1 MA6 A 14 4.62 -1.18 4.13
OP2 MA6 A 14 2.99 -2.66 2.85
O5' MA6 A 14 2.51 -0.21 3.07
C5' MA6 A 14 2.75 1.08 3.61
C4' MA6 A 14 1.47 1.95 3.54
O4' MA6 A 14 1.00 2.12 2.21
C1' MA6 A 14 -0.44 2.11 2.23
N9 MA6 A 14 -0.93 0.91 1.50
N3 MA6 A 14 -3.22 1.67 1.06
N1 MA6 A 14 -4.49 0.05 -0.14
C6 MA6 A 14 -3.46 -0.84 -0.20
N6 MA6 A 14 -3.68 -2.02 -0.82
C9 MA6 A 14 -2.67 -2.60 -1.72
C10 MA6 A 14 -4.53 -3.01 -0.17
N7 MA6 A 14 -0.99 -1.11 0.53
C8 MA6 A 14 -0.27 -0.24 1.18
C2' MA6 A 14 -0.88 2.06 3.69
O2' MA6 A 14 -1.08 3.38 4.17
C3' MA6 A 14 0.31 1.38 4.36
O3' MA6 A 14 0.44 1.71 5.74
H2 MA6 A 14 -5.17 1.88 0.48
H5' MA6 A 14 3.54 1.57 3.06
H5'' MA6 A 14 3.05 0.99 4.65
H4' MA6 A 14 1.72 2.94 3.95
H1' MA6 A 14 -0.83 3.01 1.75
H91 MA6 A 14 -3.15 -3.32 -2.40
H92 MA6 A 14 -1.91 -3.11 -1.14
H93 MA6 A 14 -2.20 -1.83 -2.31
H101 MA6 A 14 -4.83 -3.79 -0.88
H102 MA6 A 14 -5.42 -2.54 0.23
H103 MA6 A 14 -3.98 -3.47 0.65
H8 MA6 A 14 0.76 -0.42 1.46
H2' MA6 A 14 -1.80 1.46 3.81
HO2' MA6 A 14 -1.16 3.35 5.14
H3' MA6 A 14 0.27 0.30 4.21
C2 MA6 A 13 -0.29 2.88 -2.56
C4 MA6 A 13 0.76 0.93 -2.50
C5 MA6 A 13 -0.36 0.20 -2.87
P MA6 A 13 4.74 -3.97 -3.14
OP1 MA6 A 13 5.73 -5.02 -3.54
OP2 MA6 A 13 3.30 -4.34 -3.17
O5' MA6 A 13 5.19 -3.50 -1.66
C5' MA6 A 13 4.28 -2.86 -0.78
C4' MA6 A 13 4.37 -1.33 -0.83
O4' MA6 A 13 3.99 -0.82 -2.11
C1' MA6 A 13 3.16 0.33 -1.95
N9 MA6 A 13 1.77 0.01 -2.34
N3 MA6 A 13 0.86 2.27 -2.33
N1 MA6 A 13 -1.44 2.32 -2.91
C6 MA6 A 13 -1.53 0.99 -3.09
N6 MA6 A 13 -2.72 0.45 -3.45
C9 MA6 A 13 -2.82 -0.34 -4.70
C10 MA6 A 13 -3.99 1.08 -3.06
N7 MA6 A 13 -0.07 -1.16 -2.94
C8 MA6 A 13 1.20 -1.21 -2.62
C2' MA6 A 13 3.22 0.73 -0.47
O2' MA6 A 13 4.32 1.60 -0.28
C3' MA6 A 13 3.46 -0.64 0.20
O3' MA6 A 13 4.06 -0.51 1.47
H2 MA6 A 13 -0.30 3.96 -2.43
H5' MA6 A 13 4.54 -3.16 0.24
H5'' MA6 A 13 3.26 -3.18 -0.97
H4' MA6 A 13 5.39 -1.02 -0.63
H1' MA6 A 13 3.53 1.15 -2.57
H91 MA6 A 13 -1.93 -0.95 -4.83
H92 MA6 A 13 -2.90 0.34 -5.54
H93 MA6 A 13 -3.69 -0.99 -4.65
H101 MA6 A 13 -3.90 1.51 -2.06
H102 MA6 A 13 -4.79 0.35 -3.04
H103 MA6 A 13 -4.24 1.88 -3.75
H8 MA6 A 13 1.76 -2.14 -2.58
H2' MA6 A 13 2.29 1.17 -0.13
HO2' MA6 A 13 4.63 1.51 0.64
H3' MA6 A 13 2.52 -1.19 0.25
C2 MA6 A 14 -4.81 1.16 0.47
C4 MA6 A 14 -2.60 1.02 0.69
C5 MA6 A 14 -2.56 -0.29 0.27
P MA6 A 14 3.20 -0.59 2.82
OP1 MA6 A 14 4.12 -0.27 3.94
OP2 MA6 A 14 2.51 -1.91 2.82
O5' MA6 A 14 2.07 0.55 2.66
C5' MA6 A 14 2.35 1.92 2.91
C4' MA6 A 14 1.09 2.79 2.75
O4' MA6 A 14 0.58 2.77 1.42
C1' MA6 A 14 -0.84 2.69 1.45
N9 MA6 A 14 -1.29 1.37 0.97
N3 MA6 A 14 -3.70 1.81 0.82
N1 MA6 A 14 -4.93 -0.09 0.04
C6 MA6 A 14 -3.82 -0.86 -0.08
N6 MA6 A 14 -3.97 -2.13 -0.52
C9 MA6 A 14 -3.07 -2.69 -1.54
C10 MA6 A 14 -4.57 -3.12 0.38
N7 MA6 A 14 -1.25 -0.77 0.26
C8 MA6 A 14 -0.55 0.25 0.68
C2' MA6 A 14 -1.28 2.89 2.90
O2' MA6 A 14 -1.48 4.28 3.14
C3' MA6 A 14 -0.05 2.35 3.67
O3' MA6 A 14 0.12 2.88 4.98
H2 MA6 A 14 -5.73 1.73 0.55
H5' MA6 A 14 3.12 2.28 2.22
H5'' MA6 A 14 2.72 2.03 3.93
H4' MA6 A 14 1.34 3.83 2.99
H1' MA6 A 14 -1.27 3.47 0.82
H91 MA6 A 14 -2.85 -1.94 -2.30
H92 MA6 A 14 -3.54 -3.54 -2.02
H93 MA6 A 14 -2.14 -3.01 -1.08
H101 MA6 A 14 -5.44 -2.70 0.87
H102 MA6 A 14 -3.84 -3.40 1.15
H103 MA6 A 14 -4.85 -4.01 -0.18
H8 MA6 A 14 0.52 0.21 0.80
H2' MA6 A 14 -2.17 2.32 3.14
HO2' MA6 A 14 -1.73 4.40 4.08
H3' MA6 A 14 -0.10 1.27 3.70
C2 MA6 A 13 -0.94 3.10 -2.45
C4 MA6 A 13 0.34 1.29 -2.34
C5 MA6 A 13 -0.65 0.45 -2.78
P MA6 A 13 4.21 -4.05 -2.33
OP1 MA6 A 13 5.20 -4.82 -1.52
OP2 MA6 A 13 2.96 -4.74 -2.76
O5' MA6 A 13 3.82 -2.69 -1.58
C5' MA6 A 13 4.81 -1.91 -0.92
C4' MA6 A 13 4.37 -0.45 -0.77
O4' MA6 A 13 3.79 0.06 -1.98
C1' MA6 A 13 2.77 1.00 -1.65
N9 MA6 A 13 1.45 0.51 -2.13
N3 MA6 A 13 0.28 2.65 -2.15
N1 MA6 A 13 -1.99 2.43 -2.88
C6 MA6 A 13 -1.89 1.09 -3.07
N6 MA6 A 13 -2.98 0.42 -3.51
C9 MA6 A 13 -2.92 -0.26 -4.82
C10 MA6 A 13 -4.34 0.81 -3.11
N7 MA6 A 13 -0.19 -0.87 -2.85
C8 MA6 A 13 1.05 -0.77 -2.45
C2' MA6 A 13 2.75 1.15 -0.13
O2' MA6 A 13 3.58 2.26 0.21
C3' MA6 A 13 3.36 -0.18 0.35
O3' MA6 A 13 3.97 -0.06 1.62
H2 MA6 A 13 -1.08 4.18 -2.33
H5' MA6 A 13 5.73 -1.91 -1.51
H5'' MA6 A 13 5.04 -2.34 0.06
H4' MA6 A 13 5.26 0.15 -0.55
H1' MA6 A 13 2.98 1.96 -2.11
H91 MA6 A 13 -3.70 -1.01 -4.88
H92 MA6 A 13 -1.95 -0.74 -4.95
H93 MA6 A 13 -3.05 0.48 -5.61
H101 MA6 A 13 -4.32 1.17 -2.07
H102 MA6 A 13 -5.02 -0.03 -3.18
H103 MA6 A 13 -4.69 1.62 -3.74
H8 MA6 A 13 1.72 -1.63 -2.37
H2' MA6 A 13 1.74 1.29 0.27
HO2' MA6 A 13 4.00 2.08 1.06
H3' MA6 A 13 2.60 -0.96 0.34
C2 MA6 A 14 -5.04 1.16 0.62
C4 MA6 A 14 -2.85 1.03 0.97
C5 MA6 A 14 -2.77 -0.27 0.52
P MA6 A 14 3.15 -0.33 2.97
OP1 MA6 A 14 4.08 -0.01 4.09
OP2 MA6 A 14 2.58 -1.69 2.91
O5' MA6 A 14 1.93 0.72 2.93
C5' MA6 A 14 2.09 2.08 3.33
C4' MA6 A 14 0.77 2.86 3.17
O4' MA6 A 14 0.26 2.82 1.83
C1' MA6 A 14 -1.16 2.70 1.87
N9 MA6 A 14 -1.56 1.38 1.32
N3 MA6 A 14 -3.96 1.81 1.05
N1 MA6 A 14 -5.12 -0.08 0.16
C6 MA6 A 14 -4.00 -0.84 0.10
N6 MA6 A 14 -4.11 -2.09 -0.38
C9 MA6 A 14 -4.57 -3.14 0.54
C10 MA6 A 14 -3.25 -2.57 -1.47
N7 MA6 A 14 -1.45 -0.73 0.58
C8 MA6 A 14 -0.79 0.28 1.07
C2' MA6 A 14 -1.60 2.83 3.32
O2' MA6 A 14 -1.89 4.20 3.61
C3' MA6 A 14 -0.34 2.35 4.08
O3' MA6 A 14 -0.20 2.85 5.40
H2 MA6 A 14 -5.98 1.71 0.66
H5' MA6 A 14 2.86 2.55 2.73
H5'' MA6 A 14 2.40 2.12 4.37
H4' MA6 A 14 0.96 3.90 3.43
H1' MA6 A 14 -1.61 3.50 1.27
H91 MA6 A 14 -4.84 -4.04 -0.02
H92 MA6 A 14 -5.43 -2.80 1.11
H93 MA6 A 14 -3.76 -3.38 1.23
H101 MA6 A 14 -3.14 -1.80 -2.23
H102 MA6 A 14 -3.68 -3.46 -1.93
H103 MA6 A 14 -2.26 -2.82 -1.07
H8 MA6 A 14 0.27 0.25 1.24
H2' MA6 A 14 -2.46 2.19 3.54
HO2' MA6 A 14 -2.14 4.26 4.55
H3' MA6 A 14 -0.33 1.25 4.09
#